data_3WW3
#
_entry.id   3WW3
#
_cell.length_a   76.520
_cell.length_b   89.070
_cell.length_c   152.580
_cell.angle_alpha   90.00
_cell.angle_beta   90.00
_cell.angle_gamma   90.00
#
_symmetry.space_group_name_H-M   'C 2 2 21'
#
loop_
_entity.id
_entity.type
_entity.pdbx_description
1 polymer 'L-ribose isomerase'
2 non-polymer 'MANGANESE (II) ION'
3 water water
#
_entity_poly.entity_id   1
_entity_poly.type   'polypeptide(L)'
_entity_poly.pdbx_seq_one_letter_code
;HHHHHHGSTRTAISRREYDEWLSEAASLARALRYPVTPEMVNDSAGIVFGDDQYEAFAHGLWSREPYEVMVILESLNEPA
VDGLPAAGAAHAEYSGLCDKLMIVHPGKFCPPHFHQRKTESYEVVLGEMEVFYAPEPVTVGDDDVLSFSPMPEGSPWPEG
VALPAGREDSYAGLTSYVRLRAGDPKFVMHRKHLHAFRCPADSPVPLVVREVSTYSHEPTEHAHDKAAPLPQWRGLHDNT
FVAEAANSGRLATAIA
;
_entity_poly.pdbx_strand_id   A,B
#
loop_
_chem_comp.id
_chem_comp.type
_chem_comp.name
_chem_comp.formula
MN non-polymer 'MANGANESE (II) ION' 'Mn 2'
#
# COMPACT_ATOMS: atom_id res chain seq x y z
N THR A 9 -2.60 -32.15 -24.63
CA THR A 9 -3.21 -31.36 -23.52
C THR A 9 -3.11 -29.86 -23.78
N ARG A 10 -3.76 -29.07 -22.92
CA ARG A 10 -3.77 -27.62 -23.06
C ARG A 10 -2.36 -27.02 -23.11
N THR A 11 -2.14 -26.14 -24.09
CA THR A 11 -0.85 -25.48 -24.25
C THR A 11 -1.04 -23.96 -24.22
N ALA A 12 -2.30 -23.55 -24.19
CA ALA A 12 -2.64 -22.13 -24.16
C ALA A 12 -4.07 -21.96 -23.67
N ILE A 13 -4.45 -20.72 -23.39
CA ILE A 13 -5.81 -20.45 -22.95
C ILE A 13 -6.53 -19.88 -24.17
N SER A 14 -7.79 -20.23 -24.34
CA SER A 14 -8.54 -19.72 -25.47
C SER A 14 -8.84 -18.25 -25.23
N ARG A 15 -9.08 -17.51 -26.29
CA ARG A 15 -9.38 -16.09 -26.19
C ARG A 15 -10.60 -15.86 -25.29
N ARG A 16 -11.64 -16.66 -25.47
CA ARG A 16 -12.85 -16.53 -24.66
C ARG A 16 -12.57 -16.79 -23.19
N GLU A 17 -11.81 -17.86 -22.91
CA GLU A 17 -11.48 -18.19 -21.52
C GLU A 17 -10.72 -17.04 -20.85
N TYR A 18 -9.75 -16.48 -21.57
CA TYR A 18 -8.96 -15.38 -21.03
C TYR A 18 -9.84 -14.15 -20.80
N ASP A 19 -10.67 -13.81 -21.80
CA ASP A 19 -11.54 -12.64 -21.67
C ASP A 19 -12.53 -12.75 -20.50
N GLU A 20 -13.13 -13.91 -20.32
CA GLU A 20 -14.09 -14.09 -19.23
C GLU A 20 -13.37 -14.08 -17.88
N TRP A 21 -12.19 -14.70 -17.85
CA TRP A 21 -11.39 -14.77 -16.63
C TRP A 21 -11.03 -13.37 -16.15
N LEU A 22 -10.47 -12.55 -17.04
CA LEU A 22 -10.10 -11.21 -16.64
C LEU A 22 -11.25 -10.23 -16.49
N SER A 23 -12.30 -10.41 -17.27
CA SER A 23 -13.45 -9.51 -17.18
C SER A 23 -14.16 -9.71 -15.87
N GLU A 24 -14.30 -10.97 -15.44
CA GLU A 24 -14.97 -11.25 -14.17
C GLU A 24 -14.07 -10.83 -13.01
N ALA A 25 -12.76 -10.97 -13.17
CA ALA A 25 -11.82 -10.59 -12.11
C ALA A 25 -11.86 -9.07 -11.92
N ALA A 26 -11.83 -8.34 -13.04
CA ALA A 26 -11.87 -6.88 -12.98
C ALA A 26 -13.20 -6.39 -12.44
N SER A 27 -14.29 -7.09 -12.75
CA SER A 27 -15.60 -6.71 -12.27
C SER A 27 -15.68 -6.91 -10.76
N LEU A 28 -15.13 -8.03 -10.30
CA LEU A 28 -15.13 -8.34 -8.87
C LEU A 28 -14.27 -7.30 -8.15
N ALA A 29 -13.15 -6.94 -8.77
CA ALA A 29 -12.24 -5.96 -8.20
C ALA A 29 -12.96 -4.62 -8.01
N ARG A 30 -13.69 -4.20 -9.04
CA ARG A 30 -14.44 -2.95 -9.00
C ARG A 30 -15.52 -2.99 -7.93
N ALA A 31 -16.21 -4.13 -7.82
CA ALA A 31 -17.26 -4.28 -6.82
C ALA A 31 -16.66 -4.15 -5.43
N LEU A 32 -15.40 -4.53 -5.28
CA LEU A 32 -14.71 -4.46 -4.00
C LEU A 32 -14.00 -3.12 -3.81
N ARG A 33 -14.31 -2.17 -4.68
CA ARG A 33 -13.77 -0.82 -4.66
C ARG A 33 -12.28 -0.65 -5.01
N TYR A 34 -11.71 -1.59 -5.73
CA TYR A 34 -10.30 -1.47 -6.13
C TYR A 34 -10.30 -0.62 -7.41
N PRO A 35 -9.38 0.35 -7.51
CA PRO A 35 -9.32 1.22 -8.70
C PRO A 35 -8.77 0.55 -9.96
N VAL A 36 -9.67 0.11 -10.83
CA VAL A 36 -9.27 -0.55 -12.07
C VAL A 36 -9.45 0.38 -13.25
N THR A 37 -8.38 0.61 -14.00
CA THR A 37 -8.43 1.44 -15.20
C THR A 37 -8.08 0.48 -16.35
N PRO A 38 -8.53 0.79 -17.58
CA PRO A 38 -8.28 -0.04 -18.76
C PRO A 38 -6.90 -0.65 -18.99
N GLU A 39 -5.85 0.12 -18.79
CA GLU A 39 -4.51 -0.40 -19.04
C GLU A 39 -4.10 -1.53 -18.11
N MET A 40 -4.83 -1.69 -17.00
CA MET A 40 -4.55 -2.74 -16.03
C MET A 40 -5.08 -4.11 -16.45
N VAL A 41 -6.08 -4.13 -17.32
CA VAL A 41 -6.65 -5.38 -17.82
C VAL A 41 -5.97 -5.62 -19.15
N ASN A 42 -4.88 -6.38 -19.11
CA ASN A 42 -4.08 -6.63 -20.30
C ASN A 42 -3.70 -8.10 -20.48
N ASP A 43 -2.91 -8.38 -21.53
CA ASP A 43 -2.48 -9.74 -21.85
C ASP A 43 -1.54 -10.41 -20.87
N SER A 44 -1.14 -9.71 -19.81
CA SER A 44 -0.24 -10.29 -18.84
C SER A 44 -0.80 -10.36 -17.42
N ALA A 45 -2.02 -9.88 -17.23
CA ALA A 45 -2.65 -9.87 -15.91
C ALA A 45 -3.12 -11.26 -15.47
N GLY A 46 -3.46 -12.11 -16.43
CA GLY A 46 -3.87 -13.47 -16.13
C GLY A 46 -2.60 -14.29 -16.28
N ILE A 47 -2.07 -14.77 -15.16
CA ILE A 47 -0.81 -15.51 -15.18
C ILE A 47 -0.94 -17.03 -15.05
N VAL A 48 -0.21 -17.74 -15.90
CA VAL A 48 -0.17 -19.20 -15.88
C VAL A 48 1.31 -19.55 -15.63
N PHE A 49 1.58 -20.13 -14.47
CA PHE A 49 2.94 -20.48 -14.07
C PHE A 49 3.49 -21.80 -14.63
N GLY A 50 3.77 -21.80 -15.93
CA GLY A 50 4.30 -23.01 -16.55
C GLY A 50 3.37 -23.56 -17.61
N ASP A 51 3.92 -24.12 -18.67
CA ASP A 51 3.10 -24.67 -19.73
C ASP A 51 2.21 -25.82 -19.26
N ASP A 52 2.63 -26.50 -18.21
CA ASP A 52 1.84 -27.61 -17.67
C ASP A 52 0.65 -27.13 -16.84
N GLN A 53 0.58 -25.82 -16.61
CA GLN A 53 -0.51 -25.26 -15.83
C GLN A 53 -1.69 -24.77 -16.66
N TYR A 54 -1.54 -24.76 -17.98
CA TYR A 54 -2.64 -24.35 -18.84
C TYR A 54 -3.76 -25.37 -18.73
N GLU A 55 -3.43 -26.56 -18.23
CA GLU A 55 -4.40 -27.62 -18.05
C GLU A 55 -5.45 -27.18 -17.03
N ALA A 56 -5.16 -26.10 -16.32
CA ALA A 56 -6.11 -25.58 -15.34
C ALA A 56 -7.39 -25.22 -16.08
N PHE A 57 -7.28 -24.92 -17.37
CA PHE A 57 -8.45 -24.52 -18.14
C PHE A 57 -9.17 -25.67 -18.84
N ALA A 58 -8.69 -26.89 -18.64
CA ALA A 58 -9.35 -28.05 -19.23
C ALA A 58 -10.70 -28.21 -18.55
N HIS A 59 -10.74 -27.95 -17.24
CA HIS A 59 -11.97 -28.05 -16.48
C HIS A 59 -12.44 -26.69 -15.95
N GLY A 60 -11.57 -25.70 -16.00
CA GLY A 60 -11.97 -24.37 -15.55
C GLY A 60 -11.58 -23.92 -14.15
N LEU A 61 -11.80 -22.65 -13.89
CA LEU A 61 -11.45 -22.04 -12.60
C LEU A 61 -12.40 -22.36 -11.45
N TRP A 62 -13.46 -23.10 -11.74
CA TRP A 62 -14.38 -23.48 -10.70
C TRP A 62 -14.40 -25.00 -10.52
N SER A 63 -13.36 -25.65 -11.02
CA SER A 63 -13.25 -27.10 -10.92
C SER A 63 -12.73 -27.48 -9.54
N ARG A 64 -12.11 -26.51 -8.86
CA ARG A 64 -11.55 -26.68 -7.53
C ARG A 64 -10.29 -27.54 -7.52
N GLU A 65 -9.76 -27.85 -8.70
CA GLU A 65 -8.54 -28.66 -8.80
C GLU A 65 -7.32 -27.77 -8.56
N PRO A 66 -6.25 -28.32 -7.98
CA PRO A 66 -5.02 -27.57 -7.70
C PRO A 66 -4.14 -27.27 -8.92
N TYR A 67 -4.05 -25.98 -9.25
CA TYR A 67 -3.23 -25.50 -10.36
C TYR A 67 -2.65 -24.15 -9.97
N GLU A 68 -1.55 -23.76 -10.61
CA GLU A 68 -0.90 -22.49 -10.30
C GLU A 68 -1.22 -21.47 -11.39
N VAL A 69 -2.32 -20.76 -11.18
CA VAL A 69 -2.77 -19.73 -12.11
C VAL A 69 -3.43 -18.65 -11.28
N MET A 70 -3.37 -17.40 -11.72
CA MET A 70 -3.95 -16.30 -10.96
C MET A 70 -4.02 -15.02 -11.78
N VAL A 71 -4.82 -14.07 -11.31
CA VAL A 71 -4.91 -12.79 -11.97
C VAL A 71 -4.34 -11.75 -11.01
N ILE A 72 -3.60 -10.80 -11.56
CA ILE A 72 -3.02 -9.73 -10.77
C ILE A 72 -3.37 -8.43 -11.49
N LEU A 73 -4.01 -7.52 -10.76
CA LEU A 73 -4.39 -6.22 -11.32
C LEU A 73 -3.57 -5.18 -10.56
N GLU A 74 -2.56 -4.64 -11.24
CA GLU A 74 -1.63 -3.67 -10.65
C GLU A 74 -2.03 -2.20 -10.86
N SER A 75 -2.41 -1.54 -9.77
CA SER A 75 -2.81 -0.13 -9.85
C SER A 75 -1.64 0.83 -9.63
N LEU A 76 -0.56 0.34 -9.05
CA LEU A 76 0.60 1.18 -8.78
C LEU A 76 1.91 0.41 -8.77
N ASN A 77 2.94 1.01 -9.34
CA ASN A 77 4.27 0.43 -9.34
C ASN A 77 5.19 1.63 -9.51
N GLU A 78 5.36 2.34 -8.40
CA GLU A 78 6.14 3.56 -8.31
C GLU A 78 7.57 3.34 -7.81
N PRO A 79 8.57 3.72 -8.63
CA PRO A 79 9.98 3.54 -8.27
C PRO A 79 10.38 4.30 -7.00
N ALA A 80 9.73 5.45 -6.78
CA ALA A 80 10.04 6.30 -5.62
C ALA A 80 11.50 6.72 -5.64
N VAL A 81 12.01 7.03 -6.84
CA VAL A 81 13.39 7.46 -6.98
C VAL A 81 13.47 8.99 -6.88
N ASP A 82 12.39 9.66 -7.29
CA ASP A 82 12.36 11.12 -7.25
C ASP A 82 12.57 11.62 -5.82
N GLY A 83 13.53 12.51 -5.65
CA GLY A 83 13.80 13.06 -4.32
C GLY A 83 14.80 12.26 -3.51
N LEU A 84 15.11 11.06 -3.96
CA LEU A 84 16.04 10.20 -3.25
C LEU A 84 17.47 10.67 -3.50
N PRO A 85 18.29 10.73 -2.43
CA PRO A 85 19.68 11.18 -2.58
C PRO A 85 20.41 10.24 -3.54
N ALA A 86 21.21 10.79 -4.44
CA ALA A 86 21.95 9.96 -5.39
C ALA A 86 22.77 8.89 -4.68
N ALA A 87 23.17 9.19 -3.44
CA ALA A 87 23.96 8.27 -2.65
C ALA A 87 23.23 6.95 -2.38
N GLY A 88 21.90 6.97 -2.47
CA GLY A 88 21.14 5.76 -2.22
C GLY A 88 20.69 5.03 -3.46
N ALA A 89 21.21 5.44 -4.61
CA ALA A 89 20.85 4.83 -5.89
C ALA A 89 21.11 3.33 -5.96
N ALA A 90 22.17 2.88 -5.29
CA ALA A 90 22.54 1.47 -5.28
C ALA A 90 21.49 0.52 -4.71
N HIS A 91 20.71 0.99 -3.74
CA HIS A 91 19.70 0.16 -3.13
C HIS A 91 18.27 0.67 -3.30
N ALA A 92 18.08 1.63 -4.21
CA ALA A 92 16.76 2.17 -4.46
C ALA A 92 15.83 1.07 -4.94
N GLU A 93 16.42 0.04 -5.55
CA GLU A 93 15.66 -1.09 -6.08
C GLU A 93 15.00 -1.94 -4.99
N TYR A 94 15.39 -1.73 -3.73
CA TYR A 94 14.78 -2.46 -2.62
C TYR A 94 13.59 -1.67 -2.07
N SER A 95 13.40 -0.48 -2.61
CA SER A 95 12.31 0.38 -2.17
C SER A 95 11.22 0.51 -3.23
N GLY A 96 10.52 1.63 -3.24
CA GLY A 96 9.46 1.83 -4.20
C GLY A 96 8.12 1.40 -3.62
N LEU A 97 7.04 1.62 -4.36
CA LEU A 97 5.71 1.28 -3.90
C LEU A 97 4.89 0.60 -4.98
N CYS A 98 4.30 -0.54 -4.64
CA CYS A 98 3.49 -1.28 -5.57
C CYS A 98 2.18 -1.67 -4.90
N ASP A 99 1.08 -1.52 -5.63
CA ASP A 99 -0.23 -1.88 -5.09
C ASP A 99 -0.87 -2.76 -6.16
N LYS A 100 -1.30 -3.96 -5.76
CA LYS A 100 -1.92 -4.86 -6.72
C LYS A 100 -3.00 -5.68 -6.03
N LEU A 101 -3.99 -6.09 -6.80
CA LEU A 101 -5.08 -6.91 -6.29
C LEU A 101 -4.89 -8.27 -6.96
N MET A 102 -4.87 -9.32 -6.15
CA MET A 102 -4.68 -10.67 -6.66
C MET A 102 -5.99 -11.46 -6.49
N ILE A 103 -6.38 -12.16 -7.55
CA ILE A 103 -7.60 -12.96 -7.51
C ILE A 103 -7.19 -14.40 -7.82
N VAL A 104 -7.45 -15.28 -6.86
CA VAL A 104 -7.10 -16.69 -6.99
C VAL A 104 -8.35 -17.55 -6.77
N HIS A 105 -8.67 -18.40 -7.73
CA HIS A 105 -9.86 -19.23 -7.59
C HIS A 105 -9.69 -20.43 -6.66
N PRO A 106 -10.81 -21.05 -6.23
CA PRO A 106 -10.78 -22.20 -5.32
C PRO A 106 -9.80 -23.31 -5.67
N GLY A 107 -8.86 -23.55 -4.76
CA GLY A 107 -7.88 -24.60 -4.96
C GLY A 107 -6.65 -24.19 -5.75
N LYS A 108 -6.69 -22.98 -6.33
CA LYS A 108 -5.56 -22.49 -7.11
C LYS A 108 -4.47 -21.85 -6.25
N PHE A 109 -3.25 -21.83 -6.79
CA PHE A 109 -2.09 -21.30 -6.07
C PHE A 109 -1.26 -20.24 -6.79
N CYS A 110 -0.51 -19.49 -5.97
CA CYS A 110 0.48 -18.52 -6.44
C CYS A 110 1.61 -19.44 -5.96
N PRO A 111 2.40 -19.99 -6.89
CA PRO A 111 3.52 -20.91 -6.61
C PRO A 111 4.70 -20.44 -5.75
N PRO A 112 5.43 -21.41 -5.17
CA PRO A 112 6.61 -21.18 -4.34
C PRO A 112 7.67 -20.35 -5.06
N HIS A 113 8.08 -19.26 -4.43
CA HIS A 113 9.09 -18.38 -5.00
C HIS A 113 9.57 -17.40 -3.95
N PHE A 114 10.62 -16.65 -4.27
CA PHE A 114 11.12 -15.64 -3.36
C PHE A 114 11.61 -14.45 -4.19
N HIS A 115 11.72 -13.30 -3.54
CA HIS A 115 12.19 -12.08 -4.20
C HIS A 115 13.43 -11.63 -3.46
N GLN A 116 14.44 -11.22 -4.20
CA GLN A 116 15.66 -10.73 -3.57
C GLN A 116 15.42 -9.36 -2.97
N ARG A 117 14.66 -8.53 -3.69
CA ARG A 117 14.42 -7.15 -3.28
C ARG A 117 13.04 -6.79 -2.74
N LYS A 118 12.00 -7.41 -3.24
CA LYS A 118 10.65 -7.08 -2.82
C LYS A 118 10.09 -7.66 -1.52
N THR A 119 9.64 -6.77 -0.65
CA THR A 119 9.01 -7.15 0.61
C THR A 119 7.53 -6.88 0.37
N GLU A 120 6.67 -7.81 0.75
CA GLU A 120 5.23 -7.67 0.52
C GLU A 120 4.40 -7.68 1.80
N SER A 121 3.13 -7.31 1.67
CA SER A 121 2.19 -7.32 2.78
C SER A 121 0.85 -7.76 2.19
N TYR A 122 0.07 -8.52 2.95
CA TYR A 122 -1.21 -9.00 2.46
C TYR A 122 -2.41 -8.52 3.26
N GLU A 123 -3.47 -8.15 2.53
CA GLU A 123 -4.72 -7.71 3.11
C GLU A 123 -5.80 -8.51 2.39
N VAL A 124 -6.40 -9.48 3.07
CA VAL A 124 -7.46 -10.27 2.43
C VAL A 124 -8.72 -9.41 2.31
N VAL A 125 -9.28 -9.36 1.11
CA VAL A 125 -10.49 -8.57 0.88
C VAL A 125 -11.73 -9.46 0.81
N LEU A 126 -11.60 -10.61 0.17
CA LEU A 126 -12.71 -11.55 0.03
C LEU A 126 -12.16 -12.97 0.13
N GLY A 127 -12.88 -13.85 0.82
CA GLY A 127 -12.43 -15.22 0.96
C GLY A 127 -11.38 -15.37 2.05
N GLU A 128 -10.62 -16.45 2.00
CA GLU A 128 -9.56 -16.68 2.98
C GLU A 128 -8.29 -17.09 2.26
N MET A 129 -7.16 -16.65 2.78
CA MET A 129 -5.86 -16.90 2.17
C MET A 129 -4.97 -17.82 3.00
N GLU A 130 -4.53 -18.91 2.39
CA GLU A 130 -3.65 -19.85 3.08
C GLU A 130 -2.24 -19.62 2.59
N VAL A 131 -1.40 -19.13 3.49
CA VAL A 131 -0.02 -18.82 3.17
C VAL A 131 0.96 -19.88 3.67
N PHE A 132 1.82 -20.35 2.77
CA PHE A 132 2.83 -21.33 3.08
C PHE A 132 4.16 -20.60 2.88
N TYR A 133 5.06 -20.66 3.86
CA TYR A 133 6.33 -19.97 3.71
C TYR A 133 7.45 -20.54 4.57
N ALA A 134 8.66 -20.12 4.28
CA ALA A 134 9.84 -20.53 5.04
C ALA A 134 10.18 -19.35 5.93
N PRO A 135 10.14 -19.54 7.26
CA PRO A 135 10.45 -18.47 8.20
C PRO A 135 11.90 -17.98 8.17
N GLU A 136 12.81 -18.83 7.67
CA GLU A 136 14.22 -18.44 7.60
C GLU A 136 14.49 -17.89 6.20
N PRO A 137 15.16 -16.73 6.11
CA PRO A 137 15.46 -16.13 4.81
C PRO A 137 16.59 -16.80 4.05
N VAL A 138 16.55 -16.69 2.73
CA VAL A 138 17.60 -17.24 1.90
C VAL A 138 18.59 -16.11 1.73
N THR A 139 19.83 -16.43 1.34
CA THR A 139 20.83 -15.41 1.13
C THR A 139 20.97 -15.19 -0.37
N VAL A 140 20.70 -13.97 -0.82
CA VAL A 140 20.79 -13.66 -2.23
C VAL A 140 21.76 -12.52 -2.46
N GLY A 141 22.98 -12.87 -2.86
CA GLY A 141 24.00 -11.88 -3.13
C GLY A 141 24.78 -11.47 -1.90
N ASP A 142 24.55 -10.23 -1.45
CA ASP A 142 25.23 -9.67 -0.29
C ASP A 142 25.01 -10.52 0.97
N ASP A 143 26.10 -10.81 1.68
CA ASP A 143 26.04 -11.62 2.89
C ASP A 143 25.51 -10.84 4.10
N ASP A 144 26.07 -9.66 4.34
CA ASP A 144 25.63 -8.85 5.47
C ASP A 144 24.35 -8.07 5.19
N VAL A 145 23.26 -8.57 5.75
CA VAL A 145 21.96 -7.94 5.60
C VAL A 145 21.46 -7.50 6.96
N LEU A 146 20.48 -6.59 6.95
CA LEU A 146 19.91 -6.09 8.19
C LEU A 146 18.80 -6.99 8.68
N SER A 147 18.47 -6.87 9.97
CA SER A 147 17.42 -7.66 10.58
C SER A 147 16.72 -6.84 11.65
N PHE A 148 15.40 -6.98 11.75
CA PHE A 148 14.64 -6.24 12.76
C PHE A 148 13.47 -7.02 13.32
N SER A 149 12.55 -7.40 12.43
CA SER A 149 11.36 -8.13 12.82
C SER A 149 11.25 -9.42 11.99
N PRO A 150 12.00 -10.46 12.37
CA PRO A 150 12.01 -11.75 11.68
C PRO A 150 10.61 -12.31 11.43
N MET A 151 10.47 -13.11 10.39
CA MET A 151 9.17 -13.71 10.08
C MET A 151 8.77 -14.61 11.23
N PRO A 152 7.48 -14.59 11.61
CA PRO A 152 7.00 -15.42 12.71
C PRO A 152 6.98 -16.87 12.25
N GLU A 153 6.91 -17.81 13.20
CA GLU A 153 6.91 -19.22 12.86
C GLU A 153 5.56 -19.70 12.34
N GLY A 154 4.49 -18.97 12.66
CA GLY A 154 3.17 -19.40 12.22
C GLY A 154 2.86 -20.76 12.80
N SER A 155 2.16 -21.60 12.04
CA SER A 155 1.81 -22.95 12.49
C SER A 155 2.20 -23.97 11.43
N PRO A 156 2.13 -25.27 11.77
CA PRO A 156 2.47 -26.27 10.76
C PRO A 156 1.30 -26.29 9.79
N TRP A 157 1.48 -26.94 8.65
CA TRP A 157 0.40 -27.04 7.66
C TRP A 157 -0.79 -27.78 8.25
N PRO A 158 -2.01 -27.45 7.79
CA PRO A 158 -3.19 -28.14 8.30
C PRO A 158 -3.30 -29.40 7.44
N GLU A 159 -4.18 -30.32 7.82
CA GLU A 159 -4.36 -31.55 7.04
C GLU A 159 -5.14 -31.28 5.75
N GLY A 160 -4.94 -32.16 4.76
CA GLY A 160 -5.69 -32.08 3.52
C GLY A 160 -5.39 -31.08 2.41
N VAL A 161 -4.23 -30.43 2.43
CA VAL A 161 -3.91 -29.49 1.37
C VAL A 161 -3.61 -30.23 0.07
N ALA A 162 -4.34 -29.92 -0.99
CA ALA A 162 -4.10 -30.54 -2.29
C ALA A 162 -3.12 -29.70 -3.11
N LEU A 163 -2.00 -30.28 -3.49
CA LEU A 163 -1.00 -29.56 -4.26
C LEU A 163 -1.06 -29.90 -5.75
N PRO A 164 -0.59 -28.98 -6.61
CA PRO A 164 -0.62 -29.21 -8.06
C PRO A 164 0.20 -30.45 -8.43
N ALA A 165 -0.31 -31.25 -9.34
CA ALA A 165 0.38 -32.47 -9.77
C ALA A 165 1.74 -32.16 -10.40
N GLY A 166 2.77 -32.86 -9.95
CA GLY A 166 4.10 -32.65 -10.49
C GLY A 166 4.84 -31.46 -9.89
N ARG A 167 4.17 -30.72 -9.01
CA ARG A 167 4.79 -29.55 -8.36
C ARG A 167 4.87 -29.73 -6.86
N GLU A 168 4.44 -30.89 -6.36
CA GLU A 168 4.41 -31.14 -4.92
C GLU A 168 5.69 -30.84 -4.17
N ASP A 169 6.81 -31.35 -4.68
CA ASP A 169 8.11 -31.15 -4.04
C ASP A 169 8.53 -29.69 -3.88
N SER A 170 8.08 -28.83 -4.79
CA SER A 170 8.44 -27.42 -4.75
C SER A 170 7.92 -26.72 -3.48
N TYR A 171 6.95 -27.34 -2.82
CA TYR A 171 6.36 -26.77 -1.60
C TYR A 171 7.04 -27.28 -0.32
N ALA A 172 7.96 -28.22 -0.46
CA ALA A 172 8.64 -28.82 0.68
C ALA A 172 9.30 -27.85 1.66
N GLY A 173 9.96 -26.82 1.15
CA GLY A 173 10.64 -25.88 2.02
C GLY A 173 9.77 -24.83 2.71
N LEU A 174 8.53 -24.69 2.28
CA LEU A 174 7.61 -23.70 2.85
C LEU A 174 6.79 -24.39 3.95
N THR A 175 7.45 -24.67 5.06
CA THR A 175 6.86 -25.37 6.20
C THR A 175 5.97 -24.60 7.15
N SER A 176 6.05 -23.27 7.14
CA SER A 176 5.20 -22.49 8.03
C SER A 176 3.90 -22.17 7.32
N TYR A 177 2.85 -21.97 8.10
CA TYR A 177 1.52 -21.72 7.56
C TYR A 177 0.71 -20.74 8.38
N VAL A 178 -0.07 -19.92 7.70
CA VAL A 178 -0.96 -18.98 8.37
C VAL A 178 -2.18 -18.82 7.49
N ARG A 179 -3.35 -18.73 8.09
CA ARG A 179 -4.58 -18.54 7.32
C ARG A 179 -5.10 -17.15 7.65
N LEU A 180 -5.21 -16.33 6.62
CA LEU A 180 -5.66 -14.94 6.78
C LEU A 180 -7.07 -14.72 6.28
N ARG A 181 -7.81 -13.87 7.00
CA ARG A 181 -9.19 -13.54 6.67
C ARG A 181 -9.36 -12.04 6.60
N ALA A 182 -10.49 -11.61 6.06
CA ALA A 182 -10.77 -10.17 5.95
C ALA A 182 -10.87 -9.58 7.35
N GLY A 183 -10.26 -8.41 7.54
CA GLY A 183 -10.30 -7.76 8.84
C GLY A 183 -9.11 -8.07 9.73
N ASP A 184 -8.29 -9.03 9.32
CA ASP A 184 -7.12 -9.40 10.10
C ASP A 184 -6.02 -8.36 9.98
N PRO A 185 -5.02 -8.42 10.88
CA PRO A 185 -3.93 -7.44 10.80
C PRO A 185 -3.20 -7.74 9.49
N LYS A 186 -2.52 -6.73 8.94
CA LYS A 186 -1.75 -6.92 7.70
C LYS A 186 -0.66 -7.94 7.99
N PHE A 187 -0.39 -8.81 7.01
CA PHE A 187 0.64 -9.81 7.17
C PHE A 187 1.83 -9.47 6.28
N VAL A 188 3.01 -9.38 6.85
CA VAL A 188 4.20 -9.03 6.10
C VAL A 188 5.07 -10.22 5.69
N MET A 189 5.46 -10.24 4.42
CA MET A 189 6.34 -11.28 3.88
C MET A 189 7.63 -10.59 3.45
N HIS A 190 8.63 -10.63 4.32
CA HIS A 190 9.91 -10.00 4.03
C HIS A 190 10.58 -10.58 2.78
N ARG A 191 11.34 -9.73 2.10
CA ARG A 191 12.08 -10.13 0.91
C ARG A 191 12.98 -11.31 1.28
N LYS A 192 13.37 -12.09 0.28
CA LYS A 192 14.24 -13.25 0.48
C LYS A 192 13.62 -14.37 1.29
N HIS A 193 12.29 -14.46 1.27
CA HIS A 193 11.59 -15.51 1.97
C HIS A 193 10.76 -16.30 0.98
N LEU A 194 10.93 -17.61 0.98
CA LEU A 194 10.16 -18.46 0.09
C LEU A 194 8.71 -18.41 0.54
N HIS A 195 7.80 -18.20 -0.39
CA HIS A 195 6.39 -18.16 -0.04
C HIS A 195 5.50 -18.59 -1.19
N ALA A 196 4.25 -18.89 -0.84
CA ALA A 196 3.23 -19.31 -1.80
C ALA A 196 1.91 -19.20 -1.08
N PHE A 197 0.81 -19.24 -1.81
CA PHE A 197 -0.49 -19.18 -1.15
C PHE A 197 -1.57 -19.72 -2.07
N ARG A 198 -2.70 -20.11 -1.48
CA ARG A 198 -3.78 -20.63 -2.28
C ARG A 198 -5.10 -20.21 -1.68
N CYS A 199 -6.14 -20.38 -2.47
CA CYS A 199 -7.49 -20.11 -2.03
C CYS A 199 -7.96 -21.51 -1.66
N PRO A 200 -8.57 -21.67 -0.48
CA PRO A 200 -9.04 -23.00 -0.08
C PRO A 200 -9.86 -23.64 -1.20
N ALA A 201 -9.68 -24.95 -1.37
CA ALA A 201 -10.39 -25.67 -2.43
C ALA A 201 -11.90 -25.65 -2.28
N ASP A 202 -12.37 -25.53 -1.04
CA ASP A 202 -13.82 -25.53 -0.76
C ASP A 202 -14.41 -24.13 -0.64
N SER A 203 -13.64 -23.11 -0.99
CA SER A 203 -14.12 -21.74 -0.91
C SER A 203 -15.29 -21.46 -1.84
N PRO A 204 -16.33 -20.76 -1.34
CA PRO A 204 -17.51 -20.42 -2.13
C PRO A 204 -17.23 -19.28 -3.11
N VAL A 205 -16.18 -18.51 -2.82
CA VAL A 205 -15.82 -17.38 -3.66
C VAL A 205 -14.33 -17.36 -3.98
N PRO A 206 -13.94 -16.61 -5.01
CA PRO A 206 -12.51 -16.55 -5.34
C PRO A 206 -11.83 -15.77 -4.23
N LEU A 207 -10.55 -16.05 -3.99
CA LEU A 207 -9.82 -15.31 -2.97
C LEU A 207 -9.37 -14.00 -3.62
N VAL A 208 -9.58 -12.89 -2.92
CA VAL A 208 -9.18 -11.57 -3.42
C VAL A 208 -8.32 -10.94 -2.34
N VAL A 209 -7.08 -10.62 -2.69
CA VAL A 209 -6.14 -10.03 -1.73
C VAL A 209 -5.43 -8.80 -2.28
N ARG A 210 -5.33 -7.77 -1.44
CA ARG A 210 -4.63 -6.56 -1.85
C ARG A 210 -3.20 -6.68 -1.34
N GLU A 211 -2.25 -6.55 -2.25
CA GLU A 211 -0.85 -6.63 -1.88
C GLU A 211 -0.20 -5.27 -2.02
N VAL A 212 0.41 -4.82 -0.94
CA VAL A 212 1.13 -3.56 -0.91
C VAL A 212 2.56 -4.00 -0.67
N SER A 213 3.45 -3.67 -1.59
CA SER A 213 4.84 -4.10 -1.48
C SER A 213 5.79 -3.05 -2.02
N THR A 214 7.08 -3.35 -1.96
CA THR A 214 8.06 -2.41 -2.52
C THR A 214 7.95 -2.64 -4.03
N TYR A 215 8.76 -1.92 -4.81
CA TYR A 215 8.71 -2.02 -6.27
C TYR A 215 8.73 -3.44 -6.84
N SER A 216 7.90 -3.65 -7.86
CA SER A 216 7.82 -4.95 -8.52
C SER A 216 8.62 -4.92 -9.82
N HIS A 217 9.75 -5.62 -9.82
CA HIS A 217 10.62 -5.67 -10.99
C HIS A 217 10.18 -6.77 -11.95
N GLU A 218 9.67 -6.37 -13.11
CA GLU A 218 9.24 -7.32 -14.14
C GLU A 218 9.73 -6.89 -15.52
N PRO A 219 10.61 -7.69 -16.14
CA PRO A 219 11.16 -7.41 -17.46
C PRO A 219 10.12 -7.53 -18.57
N ALA A 228 14.05 3.60 -17.84
CA ALA A 228 14.11 2.92 -16.55
C ALA A 228 14.41 3.93 -15.45
N PRO A 229 13.86 3.72 -14.25
CA PRO A 229 14.07 4.63 -13.11
C PRO A 229 15.55 4.92 -12.94
N LEU A 230 16.36 3.87 -13.01
CA LEU A 230 17.82 3.98 -12.90
C LEU A 230 18.39 2.98 -13.90
N PRO A 231 19.59 3.25 -14.42
CA PRO A 231 20.23 2.36 -15.40
C PRO A 231 20.24 0.89 -14.95
N GLN A 232 20.75 0.65 -13.75
CA GLN A 232 20.84 -0.70 -13.20
C GLN A 232 19.53 -1.46 -13.02
N TRP A 233 18.41 -0.76 -13.13
CA TRP A 233 17.10 -1.40 -12.99
C TRP A 233 16.70 -2.16 -14.25
N ARG A 234 17.26 -1.76 -15.38
CA ARG A 234 16.96 -2.39 -16.67
C ARG A 234 17.15 -3.90 -16.69
N GLY A 235 16.13 -4.61 -17.16
CA GLY A 235 16.20 -6.07 -17.24
C GLY A 235 16.46 -6.79 -15.93
N LEU A 236 16.07 -6.16 -14.83
CA LEU A 236 16.28 -6.76 -13.51
C LEU A 236 15.23 -7.83 -13.22
N HIS A 237 15.69 -9.00 -12.78
CA HIS A 237 14.81 -10.11 -12.46
C HIS A 237 14.74 -10.24 -10.94
N ASP A 238 13.53 -10.14 -10.38
CA ASP A 238 13.38 -10.22 -8.94
C ASP A 238 12.39 -11.28 -8.47
N ASN A 239 12.17 -12.29 -9.30
CA ASN A 239 11.25 -13.37 -8.96
C ASN A 239 11.94 -14.70 -9.23
N THR A 240 12.20 -15.46 -8.17
CA THR A 240 12.85 -16.75 -8.30
C THR A 240 11.90 -17.86 -7.84
N PHE A 241 11.44 -18.68 -8.78
CA PHE A 241 10.53 -19.77 -8.46
C PHE A 241 11.27 -21.05 -8.16
N VAL A 242 10.71 -21.86 -7.25
CA VAL A 242 11.33 -23.13 -6.88
C VAL A 242 11.26 -24.12 -8.03
N ALA A 243 10.08 -24.23 -8.65
CA ALA A 243 9.89 -25.14 -9.78
C ALA A 243 10.45 -24.49 -11.04
N GLU A 244 11.25 -25.24 -11.79
CA GLU A 244 11.84 -24.72 -13.02
C GLU A 244 10.74 -24.28 -13.99
N ALA A 245 9.72 -25.12 -14.12
CA ALA A 245 8.60 -24.83 -15.02
C ALA A 245 7.88 -23.53 -14.67
N ALA A 246 7.74 -23.27 -13.37
CA ALA A 246 7.06 -22.07 -12.92
C ALA A 246 7.76 -20.79 -13.35
N ASN A 247 9.09 -20.84 -13.44
CA ASN A 247 9.86 -19.67 -13.86
C ASN A 247 9.51 -19.33 -15.30
N SER A 248 9.41 -20.36 -16.14
CA SER A 248 9.08 -20.19 -17.54
C SER A 248 7.70 -19.53 -17.66
N GLY A 249 6.74 -20.07 -16.92
CA GLY A 249 5.39 -19.52 -16.94
C GLY A 249 5.31 -18.26 -16.09
N ARG A 250 5.63 -17.13 -16.70
CA ARG A 250 5.62 -15.85 -16.01
C ARG A 250 6.04 -14.79 -17.03
N LEU A 251 6.62 -15.26 -18.13
CA LEU A 251 7.10 -14.39 -19.19
C LEU A 251 5.92 -13.82 -19.99
N ALA A 252 5.17 -14.70 -20.65
CA ALA A 252 4.03 -14.28 -21.45
C ALA A 252 2.94 -15.35 -21.43
N THR A 253 1.69 -14.90 -21.38
CA THR A 253 0.54 -15.81 -21.36
C THR A 253 0.12 -16.21 -22.76
N ALA A 254 0.12 -17.51 -23.04
CA ALA A 254 -0.26 -18.03 -24.34
C ALA A 254 -1.77 -17.97 -24.53
N ILE A 255 -2.22 -17.02 -25.33
CA ILE A 255 -3.64 -16.86 -25.62
C ILE A 255 -3.88 -17.17 -27.08
N ALA A 256 -4.63 -18.25 -27.33
CA ALA A 256 -4.92 -18.68 -28.70
C ALA A 256 -6.03 -17.83 -29.32
N THR B 9 -12.34 29.83 23.86
CA THR B 9 -11.87 28.94 22.75
C THR B 9 -11.47 27.56 23.27
N ARG B 10 -11.86 26.53 22.53
CA ARG B 10 -11.56 25.16 22.91
C ARG B 10 -10.07 24.89 23.07
N THR B 11 -9.72 24.07 24.06
CA THR B 11 -8.32 23.73 24.32
C THR B 11 -8.14 22.21 24.30
N ALA B 12 -9.24 21.50 24.13
CA ALA B 12 -9.20 20.04 24.11
C ALA B 12 -10.51 19.47 23.59
N ILE B 13 -10.50 18.17 23.31
CA ILE B 13 -11.69 17.48 22.85
C ILE B 13 -12.18 16.64 24.02
N SER B 14 -13.49 16.62 24.24
CA SER B 14 -14.04 15.83 25.34
C SER B 14 -13.94 14.34 24.99
N ARG B 15 -13.96 13.50 26.01
CA ARG B 15 -13.88 12.05 25.79
C ARG B 15 -15.03 11.62 24.90
N ARG B 16 -16.22 12.14 25.16
CA ARG B 16 -17.37 11.78 24.34
C ARG B 16 -17.17 12.16 22.88
N GLU B 17 -16.76 13.41 22.64
CA GLU B 17 -16.53 13.88 21.26
C GLU B 17 -15.49 13.00 20.56
N TYR B 18 -14.40 12.69 21.26
CA TYR B 18 -13.35 11.88 20.68
C TYR B 18 -13.78 10.45 20.37
N ASP B 19 -14.45 9.81 21.32
CA ASP B 19 -14.92 8.44 21.13
C ASP B 19 -15.93 8.32 20.00
N GLU B 20 -16.85 9.28 19.89
CA GLU B 20 -17.84 9.26 18.82
C GLU B 20 -17.14 9.47 17.48
N TRP B 21 -16.18 10.38 17.46
CA TRP B 21 -15.41 10.69 16.25
C TRP B 21 -14.69 9.43 15.75
N LEU B 22 -13.88 8.82 16.62
CA LEU B 22 -13.15 7.63 16.22
C LEU B 22 -14.04 6.42 15.96
N SER B 23 -15.09 6.25 16.75
CA SER B 23 -15.98 5.10 16.57
C SER B 23 -16.71 5.15 15.23
N GLU B 24 -17.22 6.33 14.87
CA GLU B 24 -17.91 6.49 13.60
C GLU B 24 -16.91 6.37 12.44
N ALA B 25 -15.67 6.82 12.66
CA ALA B 25 -14.64 6.72 11.63
C ALA B 25 -14.26 5.26 11.38
N ALA B 26 -14.11 4.50 12.46
CA ALA B 26 -13.75 3.09 12.37
C ALA B 26 -14.91 2.30 11.75
N SER B 27 -16.14 2.69 12.05
CA SER B 27 -17.30 2.00 11.50
C SER B 27 -17.37 2.23 9.99
N LEU B 28 -17.18 3.48 9.58
CA LEU B 28 -17.22 3.84 8.17
C LEU B 28 -16.10 3.10 7.44
N ALA B 29 -14.92 3.04 8.07
CA ALA B 29 -13.79 2.36 7.49
C ALA B 29 -14.11 0.89 7.25
N ARG B 30 -14.69 0.24 8.26
CA ARG B 30 -15.03 -1.17 8.14
C ARG B 30 -16.08 -1.39 7.07
N ALA B 31 -17.05 -0.47 7.00
CA ALA B 31 -18.09 -0.57 5.98
C ALA B 31 -17.46 -0.52 4.60
N LEU B 32 -16.36 0.21 4.48
CA LEU B 32 -15.65 0.35 3.20
C LEU B 32 -14.60 -0.74 3.01
N ARG B 33 -14.61 -1.74 3.89
CA ARG B 33 -13.69 -2.87 3.83
C ARG B 33 -12.23 -2.61 4.20
N TYR B 34 -11.96 -1.56 4.97
CA TYR B 34 -10.58 -1.31 5.38
C TYR B 34 -10.42 -2.14 6.66
N PRO B 35 -9.31 -2.89 6.78
CA PRO B 35 -9.07 -3.72 7.96
C PRO B 35 -8.71 -2.94 9.21
N VAL B 36 -9.69 -2.76 10.10
CA VAL B 36 -9.46 -2.02 11.34
C VAL B 36 -9.39 -2.96 12.53
N THR B 37 -8.28 -2.93 13.25
CA THR B 37 -8.12 -3.76 14.43
C THR B 37 -8.36 -2.88 15.66
N PRO B 38 -8.76 -3.49 16.79
CA PRO B 38 -9.00 -2.69 17.99
C PRO B 38 -7.85 -1.74 18.33
N GLU B 39 -6.62 -2.25 18.19
CA GLU B 39 -5.43 -1.44 18.49
C GLU B 39 -5.30 -0.20 17.62
N MET B 40 -5.90 -0.22 16.43
CA MET B 40 -5.82 0.91 15.52
C MET B 40 -6.72 2.07 15.95
N VAL B 41 -7.73 1.77 16.75
CA VAL B 41 -8.65 2.79 17.24
C VAL B 41 -8.14 3.18 18.63
N ASN B 42 -7.25 4.17 18.66
CA ASN B 42 -6.65 4.61 19.92
C ASN B 42 -6.73 6.12 20.11
N ASP B 43 -6.19 6.61 21.22
CA ASP B 43 -6.22 8.04 21.53
C ASP B 43 -5.27 8.91 20.73
N SER B 44 -4.56 8.31 19.78
CA SER B 44 -3.63 9.06 18.93
C SER B 44 -4.12 9.14 17.49
N ALA B 45 -5.10 8.32 17.13
CA ALA B 45 -5.63 8.27 15.76
C ALA B 45 -6.35 9.55 15.31
N GLY B 46 -7.01 10.22 16.25
CA GLY B 46 -7.71 11.46 15.93
C GLY B 46 -6.70 12.57 16.13
N ILE B 47 -6.33 13.26 15.04
CA ILE B 47 -5.32 14.31 15.10
C ILE B 47 -5.83 15.75 14.95
N VAL B 48 -5.30 16.62 15.81
CA VAL B 48 -5.63 18.05 15.80
C VAL B 48 -4.29 18.76 15.60
N PHE B 49 -4.13 19.41 14.44
CA PHE B 49 -2.89 20.09 14.09
C PHE B 49 -2.76 21.51 14.66
N GLY B 50 -2.43 21.60 15.94
CA GLY B 50 -2.28 22.90 16.57
C GLY B 50 -3.37 23.14 17.59
N ASP B 51 -3.01 23.80 18.69
CA ASP B 51 -4.00 24.04 19.74
C ASP B 51 -5.12 24.97 19.31
N ASP B 52 -4.89 25.76 18.28
CA ASP B 52 -5.91 26.69 17.79
C ASP B 52 -6.94 25.95 16.94
N GLN B 53 -6.67 24.68 16.66
CA GLN B 53 -7.58 23.86 15.85
C GLN B 53 -8.58 23.07 16.65
N TYR B 54 -8.41 23.02 17.98
CA TYR B 54 -9.37 22.30 18.80
C TYR B 54 -10.72 23.00 18.69
N GLU B 55 -10.69 24.24 18.23
CA GLU B 55 -11.90 25.04 18.05
C GLU B 55 -12.82 24.35 17.03
N ALA B 56 -12.26 23.38 16.31
CA ALA B 56 -13.04 22.65 15.32
C ALA B 56 -14.19 21.93 16.00
N PHE B 57 -14.01 21.62 17.29
CA PHE B 57 -15.05 20.91 18.03
C PHE B 57 -16.03 21.80 18.77
N ALA B 58 -15.89 23.11 18.60
CA ALA B 58 -16.82 24.05 19.20
C ALA B 58 -18.16 23.82 18.52
N HIS B 59 -18.13 23.68 17.19
CA HIS B 59 -19.35 23.45 16.42
C HIS B 59 -19.44 22.02 15.85
N GLY B 60 -18.35 21.27 15.93
CA GLY B 60 -18.37 19.91 15.44
C GLY B 60 -17.92 19.65 14.01
N LEU B 61 -17.67 18.37 13.73
CA LEU B 61 -17.18 17.89 12.44
C LEU B 61 -18.15 18.00 11.26
N TRP B 62 -19.38 18.41 11.50
CA TRP B 62 -20.31 18.56 10.40
C TRP B 62 -20.73 20.03 10.25
N SER B 63 -19.98 20.91 10.89
CA SER B 63 -20.25 22.35 10.83
C SER B 63 -19.83 22.85 9.45
N ARG B 64 -18.94 22.08 8.81
CA ARG B 64 -18.42 22.39 7.49
C ARG B 64 -17.45 23.57 7.49
N GLU B 65 -17.01 23.94 8.69
CA GLU B 65 -16.07 25.03 8.87
C GLU B 65 -14.64 24.55 8.62
N PRO B 66 -13.75 25.46 8.15
CA PRO B 66 -12.36 25.15 7.86
C PRO B 66 -11.41 25.02 9.06
N TYR B 67 -10.92 23.80 9.28
CA TYR B 67 -10.00 23.50 10.37
C TYR B 67 -9.12 22.34 9.94
N GLU B 68 -7.99 22.19 10.61
CA GLU B 68 -7.07 21.12 10.29
C GLU B 68 -7.13 20.03 11.36
N VAL B 69 -8.02 19.07 11.11
CA VAL B 69 -8.22 17.94 12.01
C VAL B 69 -8.56 16.74 11.13
N MET B 70 -8.17 15.54 11.57
CA MET B 70 -8.46 14.34 10.78
C MET B 70 -8.21 13.07 11.59
N VAL B 71 -8.69 11.95 11.05
CA VAL B 71 -8.49 10.65 11.68
C VAL B 71 -7.58 9.84 10.77
N ILE B 72 -6.62 9.15 11.37
CA ILE B 72 -5.72 8.31 10.63
C ILE B 72 -5.76 6.94 11.27
N LEU B 73 -6.14 5.94 10.48
CA LEU B 73 -6.20 4.56 10.94
C LEU B 73 -5.08 3.86 10.17
N GLU B 74 -3.98 3.61 10.87
CA GLU B 74 -2.80 2.98 10.28
C GLU B 74 -2.80 1.46 10.42
N SER B 75 -2.97 0.76 9.30
CA SER B 75 -2.98 -0.70 9.34
C SER B 75 -1.58 -1.25 9.15
N LEU B 76 -0.68 -0.42 8.63
CA LEU B 76 0.68 -0.87 8.39
C LEU B 76 1.73 0.23 8.41
N ASN B 77 2.87 -0.07 9.02
CA ASN B 77 4.01 0.85 9.03
C ASN B 77 5.20 -0.08 9.25
N GLU B 78 5.58 -0.72 8.15
CA GLU B 78 6.67 -1.70 8.09
C GLU B 78 7.98 -1.10 7.59
N PRO B 79 9.03 -1.19 8.41
CA PRO B 79 10.35 -0.65 8.06
C PRO B 79 10.96 -1.27 6.80
N ALA B 80 10.66 -2.54 6.57
CA ALA B 80 11.18 -3.27 5.41
C ALA B 80 12.70 -3.22 5.44
N VAL B 81 13.26 -3.29 6.65
CA VAL B 81 14.71 -3.29 6.82
C VAL B 81 15.23 -4.73 6.73
N ASP B 82 14.40 -5.69 7.12
CA ASP B 82 14.81 -7.09 7.09
C ASP B 82 15.18 -7.51 5.66
N GLY B 83 16.35 -8.15 5.52
CA GLY B 83 16.80 -8.59 4.21
C GLY B 83 17.52 -7.52 3.41
N LEU B 84 17.47 -6.28 3.88
CA LEU B 84 18.12 -5.18 3.19
C LEU B 84 19.63 -5.27 3.39
N PRO B 85 20.41 -5.14 2.30
CA PRO B 85 21.87 -5.22 2.45
C PRO B 85 22.33 -4.13 3.40
N ALA B 86 23.25 -4.47 4.30
CA ALA B 86 23.75 -3.50 5.26
C ALA B 86 24.25 -2.25 4.56
N ALA B 87 24.79 -2.42 3.36
CA ALA B 87 25.32 -1.30 2.59
C ALA B 87 24.25 -0.26 2.25
N GLY B 88 22.98 -0.63 2.37
CA GLY B 88 21.92 0.31 2.07
C GLY B 88 21.23 0.89 3.28
N ALA B 89 21.78 0.63 4.46
CA ALA B 89 21.19 1.11 5.71
C ALA B 89 21.00 2.63 5.75
N ALA B 90 21.95 3.36 5.19
CA ALA B 90 21.89 4.82 5.19
C ALA B 90 20.63 5.41 4.58
N HIS B 91 20.03 4.70 3.62
CA HIS B 91 18.84 5.21 2.96
C HIS B 91 17.59 4.34 3.11
N ALA B 92 17.62 3.44 4.08
CA ALA B 92 16.48 2.56 4.32
C ALA B 92 15.28 3.40 4.78
N GLU B 93 15.58 4.53 5.42
CA GLU B 93 14.55 5.43 5.92
C GLU B 93 13.67 6.06 4.85
N TYR B 94 14.12 6.01 3.60
CA TYR B 94 13.34 6.55 2.50
C TYR B 94 12.46 5.44 1.94
N SER B 95 12.61 4.24 2.48
CA SER B 95 11.84 3.10 2.02
C SER B 95 10.79 2.68 3.04
N GLY B 96 10.46 1.40 3.07
CA GLY B 96 9.45 0.92 4.01
C GLY B 96 8.07 0.96 3.38
N LEU B 97 7.07 0.49 4.11
CA LEU B 97 5.71 0.46 3.61
C LEU B 97 4.71 0.89 4.68
N CYS B 98 3.86 1.83 4.32
CA CYS B 98 2.85 2.33 5.24
C CYS B 98 1.50 2.35 4.55
N ASP B 99 0.48 1.80 5.22
CA ASP B 99 -0.87 1.75 4.67
C ASP B 99 -1.76 2.36 5.75
N LYS B 100 -2.46 3.43 5.41
CA LYS B 100 -3.34 4.05 6.36
C LYS B 100 -4.58 4.60 5.67
N LEU B 101 -5.67 4.67 6.41
CA LEU B 101 -6.92 5.20 5.87
C LEU B 101 -7.08 6.55 6.56
N MET B 102 -7.29 7.59 5.76
CA MET B 102 -7.47 8.94 6.28
C MET B 102 -8.92 9.35 6.10
N ILE B 103 -9.53 9.86 7.17
CA ILE B 103 -10.93 10.28 7.13
C ILE B 103 -10.99 11.76 7.50
N VAL B 104 -11.40 12.57 6.54
CA VAL B 104 -11.48 14.02 6.72
C VAL B 104 -12.89 14.50 6.48
N HIS B 105 -13.45 15.22 7.46
CA HIS B 105 -14.81 15.71 7.33
C HIS B 105 -14.94 16.94 6.45
N PRO B 106 -16.15 17.22 5.97
CA PRO B 106 -16.43 18.37 5.09
C PRO B 106 -15.79 19.68 5.55
N GLY B 107 -14.98 20.26 4.67
CA GLY B 107 -14.32 21.51 4.97
C GLY B 107 -13.00 21.41 5.73
N LYS B 108 -12.69 20.25 6.29
CA LYS B 108 -11.46 20.07 7.03
C LYS B 108 -10.26 19.73 6.14
N PHE B 109 -9.07 19.98 6.65
CA PHE B 109 -7.82 19.76 5.92
C PHE B 109 -6.77 18.94 6.64
N CYS B 110 -5.83 18.46 5.84
CA CYS B 110 -4.63 17.78 6.32
C CYS B 110 -3.75 18.98 5.96
N PRO B 111 -3.16 19.64 6.96
CA PRO B 111 -2.31 20.83 6.79
C PRO B 111 -1.07 20.78 5.89
N PRO B 112 -0.67 21.94 5.36
CA PRO B 112 0.50 22.08 4.48
C PRO B 112 1.76 21.56 5.17
N HIS B 113 2.49 20.71 4.46
CA HIS B 113 3.72 20.13 5.00
C HIS B 113 4.40 19.37 3.88
N PHE B 114 5.59 18.87 4.16
CA PHE B 114 6.31 18.06 3.19
C PHE B 114 7.12 17.05 3.98
N HIS B 115 7.59 16.01 3.29
CA HIS B 115 8.39 14.97 3.93
C HIS B 115 9.71 14.93 3.21
N GLN B 116 10.79 14.79 3.97
CA GLN B 116 12.10 14.72 3.35
C GLN B 116 12.33 13.30 2.82
N ARG B 117 11.78 12.32 3.52
CA ARG B 117 11.99 10.92 3.15
C ARG B 117 10.78 10.17 2.59
N LYS B 118 9.57 10.55 3.01
CA LYS B 118 8.39 9.83 2.57
C LYS B 118 7.69 10.23 1.28
N THR B 119 7.46 9.24 0.42
CA THR B 119 6.75 9.44 -0.83
C THR B 119 5.39 8.76 -0.59
N GLU B 120 4.32 9.42 -1.01
CA GLU B 120 2.98 8.89 -0.80
C GLU B 120 2.19 8.70 -2.09
N SER B 121 1.10 7.94 -1.97
CA SER B 121 0.18 7.70 -3.09
C SER B 121 -1.21 7.76 -2.49
N TYR B 122 -2.19 8.23 -3.26
CA TYR B 122 -3.55 8.34 -2.77
C TYR B 122 -4.56 7.57 -3.60
N GLU B 123 -5.53 6.98 -2.90
CA GLU B 123 -6.61 6.23 -3.53
C GLU B 123 -7.88 6.64 -2.79
N VAL B 124 -8.70 7.46 -3.43
CA VAL B 124 -9.94 7.90 -2.79
C VAL B 124 -10.91 6.73 -2.71
N VAL B 125 -11.46 6.50 -1.53
CA VAL B 125 -12.41 5.40 -1.33
C VAL B 125 -13.84 5.93 -1.33
N LEU B 126 -14.04 7.08 -0.68
CA LEU B 126 -15.36 7.68 -0.61
C LEU B 126 -15.20 9.21 -0.64
N GLY B 127 -16.11 9.87 -1.35
CA GLY B 127 -16.05 11.33 -1.44
C GLY B 127 -15.07 11.81 -2.50
N GLU B 128 -14.66 13.06 -2.40
CA GLU B 128 -13.71 13.61 -3.37
C GLU B 128 -12.59 14.34 -2.63
N MET B 129 -11.36 14.13 -3.11
CA MET B 129 -10.20 14.72 -2.48
C MET B 129 -9.58 15.87 -3.27
N GLU B 130 -9.52 17.04 -2.64
CA GLU B 130 -8.92 18.21 -3.26
C GLU B 130 -7.49 18.31 -2.74
N VAL B 131 -6.53 18.04 -3.62
CA VAL B 131 -5.13 18.07 -3.24
C VAL B 131 -4.46 19.38 -3.68
N PHE B 132 -3.72 19.98 -2.76
CA PHE B 132 -3.00 21.23 -3.03
C PHE B 132 -1.52 20.92 -2.84
N TYR B 133 -0.70 21.31 -3.80
CA TYR B 133 0.73 21.04 -3.69
C TYR B 133 1.62 21.96 -4.50
N ALA B 134 2.92 21.89 -4.22
CA ALA B 134 3.91 22.68 -4.93
C ALA B 134 4.51 21.72 -5.96
N PRO B 135 4.35 22.01 -7.25
CA PRO B 135 4.89 21.15 -8.30
C PRO B 135 6.40 20.99 -8.24
N GLU B 136 7.07 21.96 -7.61
CA GLU B 136 8.52 21.91 -7.49
C GLU B 136 8.90 21.46 -6.08
N PRO B 137 9.89 20.57 -5.96
CA PRO B 137 10.31 20.08 -4.66
C PRO B 137 11.06 21.14 -3.85
N VAL B 138 10.95 21.06 -2.52
CA VAL B 138 11.65 22.00 -1.66
C VAL B 138 13.12 21.65 -1.74
N THR B 139 13.98 22.62 -1.47
CA THR B 139 15.41 22.38 -1.51
C THR B 139 15.91 21.92 -0.14
N VAL B 140 16.42 20.70 -0.07
CA VAL B 140 16.92 20.15 1.18
C VAL B 140 18.43 19.92 1.13
N GLY B 141 19.18 20.93 1.56
CA GLY B 141 20.63 20.83 1.57
C GLY B 141 21.23 20.83 0.18
N ASP B 142 22.56 20.74 0.10
CA ASP B 142 23.26 20.72 -1.17
C ASP B 142 23.22 19.31 -1.74
N ASP B 143 22.07 18.66 -1.60
CA ASP B 143 21.88 17.30 -2.09
C ASP B 143 21.75 17.21 -3.60
N ASP B 144 22.34 16.16 -4.15
CA ASP B 144 22.24 15.90 -5.57
C ASP B 144 21.24 14.75 -5.61
N VAL B 145 19.97 15.11 -5.77
CA VAL B 145 18.87 14.16 -5.78
C VAL B 145 18.57 13.56 -7.14
N LEU B 146 17.96 12.37 -7.13
CA LEU B 146 17.59 11.67 -8.36
C LEU B 146 16.25 12.17 -8.87
N SER B 147 16.01 11.98 -10.17
CA SER B 147 14.77 12.40 -10.80
C SER B 147 14.36 11.35 -11.82
N PHE B 148 13.04 11.22 -12.03
CA PHE B 148 12.54 10.24 -12.99
C PHE B 148 11.17 10.64 -13.51
N SER B 149 10.23 10.81 -12.59
CA SER B 149 8.87 11.17 -12.96
C SER B 149 8.41 12.36 -12.12
N PRO B 150 8.92 13.56 -12.42
CA PRO B 150 8.53 14.76 -11.66
C PRO B 150 7.03 14.96 -11.55
N MET B 151 6.62 15.67 -10.49
CA MET B 151 5.21 15.94 -10.25
C MET B 151 4.56 16.69 -11.39
N PRO B 152 3.31 16.32 -11.73
CA PRO B 152 2.61 17.01 -12.82
C PRO B 152 2.32 18.44 -12.39
N GLU B 153 2.15 19.33 -13.36
CA GLU B 153 1.88 20.74 -13.07
C GLU B 153 0.53 20.94 -12.40
N GLY B 154 -0.45 20.14 -12.78
CA GLY B 154 -1.77 20.26 -12.20
C GLY B 154 -2.51 21.49 -12.71
N SER B 155 -3.60 21.86 -12.02
CA SER B 155 -4.40 23.01 -12.41
C SER B 155 -4.42 24.05 -11.30
N PRO B 156 -4.88 25.27 -11.60
CA PRO B 156 -4.92 26.29 -10.56
C PRO B 156 -6.08 25.99 -9.61
N TRP B 157 -6.01 26.52 -8.40
CA TRP B 157 -7.06 26.29 -7.42
C TRP B 157 -8.43 26.66 -7.97
N PRO B 158 -9.48 25.92 -7.56
CA PRO B 158 -10.83 26.20 -8.02
C PRO B 158 -11.43 27.23 -7.07
N GLU B 159 -12.71 27.58 -7.27
CA GLU B 159 -13.37 28.54 -6.40
C GLU B 159 -14.14 27.78 -5.31
N GLY B 160 -13.85 28.10 -4.05
CA GLY B 160 -14.53 27.44 -2.95
C GLY B 160 -13.59 26.88 -1.89
N VAL B 161 -12.32 27.26 -1.96
CA VAL B 161 -11.35 26.78 -1.00
C VAL B 161 -11.26 27.67 0.24
N ALA B 162 -12.15 27.43 1.20
CA ALA B 162 -12.15 28.19 2.44
C ALA B 162 -11.01 27.66 3.32
N LEU B 163 -10.03 28.51 3.59
CA LEU B 163 -8.88 28.11 4.40
C LEU B 163 -9.09 28.41 5.88
N PRO B 164 -8.42 27.66 6.77
CA PRO B 164 -8.54 27.85 8.22
C PRO B 164 -8.08 29.24 8.66
N ALA B 165 -8.87 29.89 9.50
CA ALA B 165 -8.53 31.22 10.00
C ALA B 165 -7.17 31.22 10.69
N GLY B 166 -6.28 32.11 10.25
CA GLY B 166 -4.96 32.19 10.85
C GLY B 166 -3.93 31.28 10.23
N ARG B 167 -4.33 30.45 9.27
CA ARG B 167 -3.40 29.53 8.62
C ARG B 167 -3.35 29.73 7.11
N GLU B 168 -4.21 30.59 6.58
CA GLU B 168 -4.25 30.82 5.14
C GLU B 168 -2.89 31.09 4.51
N ASP B 169 -2.00 31.68 5.28
CA ASP B 169 -0.65 31.99 4.83
C ASP B 169 0.18 30.75 4.49
N SER B 170 0.03 29.71 5.30
CA SER B 170 0.77 28.47 5.09
C SER B 170 0.42 27.72 3.81
N TYR B 171 -0.65 28.13 3.13
CA TYR B 171 -1.08 27.48 1.90
C TYR B 171 -0.58 28.17 0.63
N ALA B 172 0.06 29.32 0.80
CA ALA B 172 0.57 30.11 -0.32
C ALA B 172 1.43 29.38 -1.35
N GLY B 173 2.34 28.54 -0.88
CA GLY B 173 3.22 27.81 -1.79
C GLY B 173 2.59 26.65 -2.55
N LEU B 174 1.49 26.13 -2.03
CA LEU B 174 0.80 25.01 -2.67
C LEU B 174 -0.07 25.50 -3.82
N THR B 175 0.60 25.93 -4.89
CA THR B 175 -0.06 26.48 -6.06
C THR B 175 -0.77 25.53 -7.02
N SER B 176 -0.37 24.26 -7.05
CA SER B 176 -1.01 23.30 -7.95
C SER B 176 -2.20 22.62 -7.31
N TYR B 177 -3.18 22.27 -8.13
CA TYR B 177 -4.39 21.64 -7.66
C TYR B 177 -4.80 20.44 -8.51
N VAL B 178 -5.35 19.43 -7.85
CA VAL B 178 -5.82 18.23 -8.53
C VAL B 178 -6.94 17.67 -7.65
N ARG B 179 -8.02 17.25 -8.30
CA ARG B 179 -9.17 16.71 -7.58
C ARG B 179 -9.28 15.23 -7.89
N LEU B 180 -9.18 14.41 -6.85
CA LEU B 180 -9.24 12.96 -7.00
C LEU B 180 -10.59 12.38 -6.56
N ARG B 181 -11.01 11.32 -7.25
CA ARG B 181 -12.28 10.65 -6.98
C ARG B 181 -12.06 9.14 -7.00
N ALA B 182 -12.99 8.39 -6.43
CA ALA B 182 -12.89 6.94 -6.40
C ALA B 182 -12.88 6.41 -7.83
N GLY B 183 -12.00 5.45 -8.12
CA GLY B 183 -11.92 4.89 -9.44
C GLY B 183 -10.82 5.51 -10.27
N ASP B 184 -10.32 6.66 -9.84
CA ASP B 184 -9.25 7.35 -10.56
C ASP B 184 -7.96 6.58 -10.36
N PRO B 185 -6.98 6.78 -11.26
CA PRO B 185 -5.71 6.07 -11.10
C PRO B 185 -5.06 6.58 -9.80
N LYS B 186 -4.13 5.79 -9.28
CA LYS B 186 -3.39 6.17 -8.06
C LYS B 186 -2.67 7.50 -8.31
N PHE B 187 -2.62 8.37 -7.29
CA PHE B 187 -1.91 9.64 -7.43
C PHE B 187 -0.71 9.64 -6.50
N VAL B 188 0.47 9.89 -7.05
CA VAL B 188 1.71 9.90 -6.28
C VAL B 188 2.21 11.28 -5.88
N MET B 189 2.54 11.43 -4.60
CA MET B 189 3.06 12.70 -4.09
C MET B 189 4.51 12.43 -3.66
N HIS B 190 5.45 12.76 -4.55
CA HIS B 190 6.86 12.55 -4.27
C HIS B 190 7.33 13.29 -3.01
N ARG B 191 8.29 12.69 -2.33
CA ARG B 191 8.88 13.27 -1.13
C ARG B 191 9.47 14.64 -1.49
N LYS B 192 9.61 15.50 -0.48
CA LYS B 192 10.17 16.84 -0.63
C LYS B 192 9.23 17.83 -1.30
N HIS B 193 7.97 17.45 -1.45
CA HIS B 193 6.98 18.32 -2.07
C HIS B 193 5.96 18.80 -1.05
N LEU B 194 5.78 20.10 -0.96
CA LEU B 194 4.80 20.67 -0.04
C LEU B 194 3.43 20.20 -0.53
N HIS B 195 2.58 19.76 0.39
CA HIS B 195 1.26 19.31 0.01
C HIS B 195 0.27 19.38 1.16
N ALA B 196 -1.00 19.28 0.82
CA ALA B 196 -2.10 19.30 1.77
C ALA B 196 -3.34 18.90 1.01
N PHE B 197 -4.43 18.60 1.73
CA PHE B 197 -5.67 18.25 1.06
C PHE B 197 -6.86 18.49 1.96
N ARG B 198 -8.04 18.56 1.37
CA ARG B 198 -9.24 18.78 2.15
C ARG B 198 -10.42 18.08 1.50
N CYS B 199 -11.47 17.93 2.30
CA CYS B 199 -12.71 17.35 1.83
C CYS B 199 -13.57 18.57 1.50
N PRO B 200 -14.13 18.62 0.29
CA PRO B 200 -14.97 19.76 -0.09
C PRO B 200 -15.99 20.07 1.01
N ALA B 201 -16.22 21.37 1.25
CA ALA B 201 -17.15 21.79 2.29
C ALA B 201 -18.59 21.39 2.05
N ASP B 202 -18.96 21.15 0.80
CA ASP B 202 -20.32 20.78 0.48
C ASP B 202 -20.52 19.27 0.37
N SER B 203 -19.45 18.51 0.62
CA SER B 203 -19.53 17.06 0.53
C SER B 203 -20.57 16.46 1.49
N PRO B 204 -21.36 15.51 0.99
CA PRO B 204 -22.39 14.86 1.81
C PRO B 204 -21.79 13.81 2.74
N VAL B 205 -20.56 13.41 2.44
CA VAL B 205 -19.88 12.38 3.24
C VAL B 205 -18.46 12.77 3.60
N PRO B 206 -17.89 12.12 4.64
CA PRO B 206 -16.52 12.44 5.01
C PRO B 206 -15.66 11.89 3.87
N LEU B 207 -14.52 12.51 3.63
CA LEU B 207 -13.61 12.03 2.59
C LEU B 207 -12.85 10.86 3.20
N VAL B 208 -12.80 9.74 2.48
CA VAL B 208 -12.08 8.58 2.98
C VAL B 208 -11.04 8.24 1.92
N VAL B 209 -9.77 8.25 2.31
CA VAL B 209 -8.69 7.98 1.38
C VAL B 209 -7.66 7.00 1.90
N ARG B 210 -7.28 6.05 1.06
CA ARG B 210 -6.27 5.09 1.44
C ARG B 210 -4.94 5.61 0.96
N GLU B 211 -4.00 5.76 1.89
CA GLU B 211 -2.69 6.22 1.52
C GLU B 211 -1.70 5.07 1.66
N VAL B 212 -0.95 4.85 0.59
CA VAL B 212 0.08 3.82 0.56
C VAL B 212 1.34 4.63 0.34
N SER B 213 2.25 4.57 1.29
CA SER B 213 3.47 5.36 1.18
C SER B 213 4.66 4.60 1.73
N THR B 214 5.81 5.27 1.78
CA THR B 214 6.99 4.64 2.34
C THR B 214 6.83 4.82 3.86
N TYR B 215 7.76 4.30 4.64
CA TYR B 215 7.67 4.37 6.09
C TYR B 215 7.33 5.75 6.68
N SER B 216 6.46 5.77 7.68
CA SER B 216 6.08 7.02 8.34
C SER B 216 6.85 7.20 9.64
N HIS B 217 7.82 8.11 9.62
CA HIS B 217 8.64 8.40 10.79
C HIS B 217 7.89 9.46 11.60
N GLU B 218 7.12 9.00 12.59
CA GLU B 218 6.34 9.90 13.44
C GLU B 218 6.38 9.36 14.87
N PRO B 219 6.34 10.25 15.87
CA PRO B 219 6.37 9.81 17.27
C PRO B 219 5.18 8.92 17.64
N THR B 220 5.44 7.92 18.48
CA THR B 220 4.40 6.99 18.92
C THR B 220 4.92 6.02 19.97
N ALA B 227 14.30 0.06 20.70
CA ALA B 227 13.77 -1.01 19.87
C ALA B 227 13.32 -0.47 18.50
N ALA B 228 14.15 0.38 17.90
CA ALA B 228 13.84 0.96 16.61
C ALA B 228 14.36 0.07 15.48
N PRO B 229 13.76 0.17 14.29
CA PRO B 229 14.18 -0.64 13.12
C PRO B 229 15.69 -0.51 12.90
N LEU B 230 16.19 0.71 13.07
CA LEU B 230 17.60 1.00 12.90
C LEU B 230 17.94 2.10 13.89
N PRO B 231 19.15 2.05 14.47
CA PRO B 231 19.58 3.06 15.43
C PRO B 231 19.36 4.50 14.96
N GLN B 232 19.71 4.77 13.71
CA GLN B 232 19.56 6.11 13.14
C GLN B 232 18.10 6.55 13.04
N TRP B 233 17.17 5.61 13.19
CA TRP B 233 15.75 5.93 13.09
C TRP B 233 15.17 6.48 14.40
N ARG B 234 15.90 6.30 15.49
CA ARG B 234 15.43 6.80 16.79
C ARG B 234 15.34 8.32 16.82
N GLY B 235 14.21 8.83 17.28
CA GLY B 235 14.00 10.27 17.37
C GLY B 235 13.95 10.94 16.01
N LEU B 236 13.50 10.22 15.00
CA LEU B 236 13.44 10.78 13.65
C LEU B 236 12.04 11.25 13.28
N HIS B 237 11.93 12.55 12.99
CA HIS B 237 10.66 13.15 12.58
C HIS B 237 10.77 13.51 11.10
N ASP B 238 9.83 13.01 10.31
CA ASP B 238 9.86 13.25 8.88
C ASP B 238 8.71 14.12 8.37
N ASN B 239 8.02 14.78 9.30
CA ASN B 239 6.92 15.67 8.94
C ASN B 239 7.27 17.12 9.29
N THR B 240 7.43 17.95 8.28
CA THR B 240 7.73 19.36 8.51
C THR B 240 6.56 20.19 8.03
N PHE B 241 5.78 20.73 8.97
CA PHE B 241 4.63 21.54 8.60
C PHE B 241 5.04 22.99 8.40
N VAL B 242 4.33 23.68 7.53
CA VAL B 242 4.61 25.07 7.24
C VAL B 242 4.24 25.96 8.44
N ALA B 243 3.03 25.76 8.96
CA ALA B 243 2.55 26.55 10.09
C ALA B 243 3.25 26.17 11.40
N GLU B 244 3.69 27.18 12.15
CA GLU B 244 4.37 26.95 13.41
C GLU B 244 3.52 26.16 14.39
N ALA B 245 2.29 26.63 14.62
CA ALA B 245 1.37 25.98 15.54
C ALA B 245 1.30 24.47 15.32
N ALA B 246 1.35 24.03 14.07
CA ALA B 246 1.28 22.62 13.75
C ALA B 246 2.65 21.95 13.82
N ASN B 247 3.66 22.58 13.22
CA ASN B 247 5.01 22.02 13.23
C ASN B 247 5.60 21.91 14.62
N SER B 248 5.31 22.87 15.48
CA SER B 248 5.82 22.86 16.84
C SER B 248 4.69 22.70 17.85
N GLY B 249 4.31 21.45 18.11
CA GLY B 249 3.24 21.18 19.06
C GLY B 249 1.95 20.76 18.38
N ARG B 250 1.92 19.54 17.86
CA ARG B 250 0.74 19.02 17.18
C ARG B 250 0.59 17.51 17.41
N LEU B 251 1.58 16.92 18.07
CA LEU B 251 1.58 15.49 18.35
C LEU B 251 0.35 14.97 19.10
N ALA B 252 0.54 14.57 20.35
CA ALA B 252 -0.53 14.04 21.19
C ALA B 252 -1.82 14.85 21.13
N THR B 253 -2.95 14.15 21.22
CA THR B 253 -4.26 14.80 21.19
C THR B 253 -4.77 14.98 22.61
N ALA B 254 -5.12 16.22 22.96
CA ALA B 254 -5.63 16.53 24.29
C ALA B 254 -7.09 16.13 24.43
N ILE B 255 -7.36 15.14 25.28
CA ILE B 255 -8.71 14.65 25.53
C ILE B 255 -9.04 14.85 27.00
N ALA B 256 -10.16 15.51 27.29
CA ALA B 256 -10.54 15.75 28.68
C ALA B 256 -11.93 15.25 29.05
MN MN C . 5.83 -12.84 -4.06
MN MN D . 2.11 13.88 3.90
#